data_7NYF
#
_entry.id   7NYF
#
_cell.length_a   82.428
_cell.length_b   112.096
_cell.length_c   62.491
_cell.angle_alpha   90.000
_cell.angle_beta   90.000
_cell.angle_gamma   90.000
#
_symmetry.space_group_name_H-M   'C 2 2 21'
#
loop_
_entity.id
_entity.type
_entity.pdbx_description
1 polymer '14-3-3 protein sigma'
2 polymer 'Transcription factor p65'
3 non-polymer 4-[(3~{S})-3-oxidanylpiperidin-1-yl]sulfonylbenzaldehyde
4 non-polymer 'MAGNESIUM ION'
5 non-polymer 'CHLORIDE ION'
6 water water
#
loop_
_entity_poly.entity_id
_entity_poly.type
_entity_poly.pdbx_seq_one_letter_code
_entity_poly.pdbx_strand_id
1 'polypeptide(L)'
;GAMGSMERASLIQKAKLAEQAERYEDMAAFMKGAVEKGEELS(CSO)EERNLLSVAYKNVVGGQRAAWRVLSSIEQKSNE
EGSEEKGPEVREYREKVETELQGVCDTVLGLLDSHLIKEAGDAESRVFYLKMKGDYYRYLAEVATGDDKKRIIDSARSAY
QEAMDISKKEMPPTNPIRLGLALNFSVFHYEIANSPEEAISLAKTTFDEAMADLHTLSEDSYKDSTLIMQLLRDNLTLWT
;
A
2 'polypeptide(L)' EGRSAG(SEP)IPGRRS P
#
loop_
_chem_comp.id
_chem_comp.type
_chem_comp.name
_chem_comp.formula
CL non-polymer 'CHLORIDE ION' 'Cl -1'
MG non-polymer 'MAGNESIUM ION' 'Mg 2'
UVB non-polymer 4-[(3~{S})-3-oxidanylpiperidin-1-yl]sulfonylbenzaldehyde 'C12 H15 N O4 S'
#
# COMPACT_ATOMS: atom_id res chain seq x y z
N ALA A 2 5.12 21.05 -9.76
CA ALA A 2 4.29 21.24 -10.94
C ALA A 2 2.94 21.83 -10.55
N MET A 3 2.49 21.52 -9.34
CA MET A 3 1.23 22.02 -8.83
C MET A 3 1.39 23.18 -7.88
N GLY A 4 2.57 23.81 -7.86
CA GLY A 4 2.87 24.82 -6.87
C GLY A 4 1.96 26.04 -6.91
N SER A 5 1.40 26.35 -8.08
N SER A 5 1.40 26.34 -8.08
CA SER A 5 0.54 27.53 -8.19
CA SER A 5 0.54 27.51 -8.21
C SER A 5 -0.92 27.24 -7.88
C SER A 5 -0.92 27.24 -7.88
N MET A 6 -1.31 26.00 -7.63
CA MET A 6 -2.71 25.69 -7.37
C MET A 6 -2.95 25.63 -5.86
N GLU A 7 -4.07 26.18 -5.41
CA GLU A 7 -4.42 26.12 -3.99
C GLU A 7 -4.55 24.69 -3.51
N ARG A 8 -4.16 24.47 -2.25
CA ARG A 8 -4.31 23.14 -1.64
C ARG A 8 -5.75 22.63 -1.77
N ALA A 9 -6.73 23.48 -1.46
CA ALA A 9 -8.11 22.99 -1.46
C ALA A 9 -8.56 22.62 -2.86
N SER A 10 -8.06 23.35 -3.87
CA SER A 10 -8.38 23.05 -5.27
C SER A 10 -7.73 21.74 -5.71
N LEU A 11 -6.50 21.46 -5.25
CA LEU A 11 -5.88 20.18 -5.55
C LEU A 11 -6.69 19.03 -4.97
N ILE A 12 -7.18 19.19 -3.74
N ILE A 12 -7.19 19.19 -3.76
CA ILE A 12 -7.98 18.15 -3.11
CA ILE A 12 -7.97 18.11 -3.15
C ILE A 12 -9.28 17.94 -3.87
C ILE A 12 -9.30 17.94 -3.86
N GLN A 13 -9.96 19.04 -4.21
CA GLN A 13 -11.19 18.96 -4.99
C GLN A 13 -10.96 18.25 -6.31
N LYS A 14 -9.88 18.61 -7.01
CA LYS A 14 -9.60 17.99 -8.30
C LYS A 14 -9.20 16.54 -8.15
N ALA A 15 -8.53 16.16 -7.04
CA ALA A 15 -8.24 14.74 -6.83
C ALA A 15 -9.54 13.95 -6.71
N LYS A 16 -10.55 14.52 -6.05
CA LYS A 16 -11.83 13.81 -5.92
C LYS A 16 -12.52 13.68 -7.27
N LEU A 17 -12.44 14.74 -8.09
CA LEU A 17 -13.02 14.68 -9.43
C LEU A 17 -12.28 13.67 -10.29
N ALA A 18 -10.94 13.66 -10.19
CA ALA A 18 -10.16 12.71 -10.97
C ALA A 18 -10.52 11.27 -10.60
N GLU A 19 -10.77 11.00 -9.31
CA GLU A 19 -11.21 9.67 -8.95
C GLU A 19 -12.52 9.31 -9.64
N GLN A 20 -13.48 10.23 -9.63
CA GLN A 20 -14.78 9.96 -10.26
C GLN A 20 -14.63 9.73 -11.74
N ALA A 21 -13.67 10.41 -12.37
CA ALA A 21 -13.42 10.26 -13.79
C ALA A 21 -12.47 9.11 -14.11
N GLU A 22 -12.02 8.37 -13.08
CA GLU A 22 -11.06 7.27 -13.23
C GLU A 22 -9.77 7.72 -13.91
N ARG A 23 -9.32 8.92 -13.55
CA ARG A 23 -8.10 9.52 -14.05
C ARG A 23 -7.08 9.46 -12.92
N TYR A 24 -6.54 8.26 -12.70
CA TYR A 24 -5.74 8.04 -11.48
C TYR A 24 -4.35 8.68 -11.54
N GLU A 25 -3.75 8.76 -12.72
CA GLU A 25 -2.50 9.51 -12.83
C GLU A 25 -2.71 10.97 -12.44
N ASP A 26 -3.77 11.60 -12.95
CA ASP A 26 -4.08 12.96 -12.53
C ASP A 26 -4.32 13.01 -11.03
N MET A 27 -5.11 12.06 -10.52
CA MET A 27 -5.40 12.04 -9.09
C MET A 27 -4.13 12.00 -8.26
N ALA A 28 -3.16 11.17 -8.67
CA ALA A 28 -1.92 11.09 -7.93
C ALA A 28 -1.14 12.39 -8.02
N ALA A 29 -1.12 13.02 -9.21
CA ALA A 29 -0.39 14.28 -9.32
C ALA A 29 -1.04 15.38 -8.47
N PHE A 30 -2.37 15.44 -8.41
CA PHE A 30 -3.03 16.41 -7.55
C PHE A 30 -2.70 16.15 -6.09
N MET A 31 -2.71 14.87 -5.67
CA MET A 31 -2.43 14.60 -4.27
C MET A 31 -0.96 14.81 -3.92
N LYS A 32 -0.03 14.52 -4.84
CA LYS A 32 1.36 14.88 -4.62
C LYS A 32 1.50 16.39 -4.42
N GLY A 33 0.83 17.17 -5.28
CA GLY A 33 0.83 18.62 -5.08
C GLY A 33 0.28 19.02 -3.72
N ALA A 34 -0.79 18.37 -3.28
CA ALA A 34 -1.34 18.69 -1.97
C ALA A 34 -0.35 18.36 -0.85
N VAL A 35 0.29 17.19 -0.91
CA VAL A 35 1.28 16.86 0.12
C VAL A 35 2.37 17.89 0.14
N GLU A 36 2.84 18.32 -1.03
CA GLU A 36 3.96 19.23 -1.11
C GLU A 36 3.62 20.63 -0.61
N LYS A 37 2.35 20.93 -0.34
CA LYS A 37 2.05 22.18 0.35
C LYS A 37 2.62 22.22 1.77
N GLY A 38 2.95 21.06 2.34
CA GLY A 38 3.65 21.02 3.61
C GLY A 38 2.79 20.83 4.82
N GLU A 39 1.48 20.88 4.68
CA GLU A 39 0.57 20.67 5.81
C GLU A 39 0.31 19.17 5.96
N GLU A 40 0.07 18.75 7.19
CA GLU A 40 -0.41 17.39 7.42
C GLU A 40 -1.72 17.13 6.66
N LEU A 41 -2.00 15.85 6.43
CA LEU A 41 -3.20 15.40 5.73
C LEU A 41 -4.24 14.89 6.72
N SER A 42 -5.49 15.18 6.44
CA SER A 42 -6.59 14.61 7.20
C SER A 42 -6.78 13.12 6.81
N CSO A 43 -7.66 12.44 7.53
N CSO A 43 -7.67 12.41 7.50
CA CSO A 43 -7.94 11.06 7.26
CA CSO A 43 -7.90 10.99 7.20
CB CSO A 43 -9.03 10.63 8.24
CB CSO A 43 -8.86 10.34 8.22
SG CSO A 43 -9.47 8.91 8.03
SG CSO A 43 -9.54 8.75 7.64
C CSO A 43 -8.39 10.89 5.80
C CSO A 43 -8.43 10.83 5.77
O CSO A 43 -7.87 10.05 5.07
O CSO A 43 -8.02 9.93 5.04
OD CSO A 43 -10.77 8.81 6.81
OD CSO A 43 -8.34 7.46 7.94
N GLU A 44 -9.35 11.70 5.38
CA GLU A 44 -9.89 11.61 4.02
C GLU A 44 -8.80 11.89 2.99
N GLU A 45 -7.95 12.87 3.28
CA GLU A 45 -6.89 13.23 2.34
C GLU A 45 -5.85 12.12 2.24
N ARG A 46 -5.52 11.47 3.36
CA ARG A 46 -4.60 10.33 3.32
C ARG A 46 -5.16 9.23 2.43
N ASN A 47 -6.46 8.98 2.55
CA ASN A 47 -7.09 7.96 1.72
C ASN A 47 -7.03 8.35 0.26
N LEU A 48 -7.24 9.63 -0.08
CA LEU A 48 -7.13 10.01 -1.49
C LEU A 48 -5.72 9.79 -2.02
N LEU A 49 -4.71 10.15 -1.24
CA LEU A 49 -3.32 9.90 -1.65
C LEU A 49 -3.08 8.42 -1.89
N SER A 50 -3.52 7.57 -0.96
CA SER A 50 -3.30 6.14 -1.08
C SER A 50 -4.06 5.55 -2.25
N VAL A 51 -5.31 5.91 -2.42
CA VAL A 51 -6.10 5.37 -3.54
C VAL A 51 -5.46 5.74 -4.87
N ALA A 52 -5.00 6.97 -4.99
CA ALA A 52 -4.44 7.42 -6.26
C ALA A 52 -3.23 6.58 -6.62
N TYR A 53 -2.27 6.49 -5.71
CA TYR A 53 -1.05 5.77 -6.02
C TYR A 53 -1.27 4.27 -6.11
N LYS A 54 -2.23 3.72 -5.36
CA LYS A 54 -2.44 2.27 -5.46
C LYS A 54 -2.97 1.93 -6.84
N ASN A 55 -3.83 2.78 -7.40
CA ASN A 55 -4.33 2.55 -8.74
C ASN A 55 -3.22 2.69 -9.77
N VAL A 56 -2.38 3.73 -9.64
CA VAL A 56 -1.32 3.94 -10.62
C VAL A 56 -0.37 2.76 -10.60
N VAL A 57 0.15 2.42 -9.40
N VAL A 57 0.20 2.44 -9.41
CA VAL A 57 1.13 1.34 -9.32
CA VAL A 57 1.13 1.33 -9.32
C VAL A 57 0.47 0.01 -9.58
C VAL A 57 0.45 0.01 -9.63
N GLY A 58 -0.82 -0.15 -9.27
CA GLY A 58 -1.51 -1.40 -9.57
C GLY A 58 -1.54 -1.69 -11.06
N GLY A 59 -1.79 -0.66 -11.87
CA GLY A 59 -1.76 -0.88 -13.31
C GLY A 59 -0.37 -1.20 -13.80
N GLN A 60 0.64 -0.53 -13.24
CA GLN A 60 2.01 -0.82 -13.64
C GLN A 60 2.41 -2.25 -13.27
N ARG A 61 2.02 -2.69 -12.08
CA ARG A 61 2.35 -4.04 -11.64
C ARG A 61 1.68 -5.08 -12.52
N ALA A 62 0.41 -4.85 -12.86
CA ALA A 62 -0.27 -5.80 -13.73
C ALA A 62 0.42 -5.87 -15.08
N ALA A 63 0.85 -4.73 -15.62
CA ALA A 63 1.55 -4.73 -16.90
C ALA A 63 2.90 -5.44 -16.79
N TRP A 64 3.65 -5.15 -15.72
CA TRP A 64 4.93 -5.80 -15.51
C TRP A 64 4.78 -7.30 -15.43
N ARG A 65 3.71 -7.78 -14.78
CA ARG A 65 3.51 -9.22 -14.68
C ARG A 65 3.22 -9.83 -16.04
N VAL A 66 2.42 -9.15 -16.86
CA VAL A 66 2.15 -9.67 -18.21
C VAL A 66 3.45 -9.78 -19.00
N LEU A 67 4.25 -8.72 -18.96
CA LEU A 67 5.49 -8.69 -19.73
C LEU A 67 6.52 -9.66 -19.18
N SER A 68 6.62 -9.77 -17.85
CA SER A 68 7.56 -10.73 -17.25
C SER A 68 7.19 -12.14 -17.65
N SER A 69 5.90 -12.45 -17.70
CA SER A 69 5.48 -13.79 -18.11
C SER A 69 5.86 -14.07 -19.56
N ILE A 70 5.67 -13.09 -20.44
CA ILE A 70 6.04 -13.27 -21.85
C ILE A 70 7.54 -13.46 -21.97
N GLU A 71 8.31 -12.68 -21.21
CA GLU A 71 9.76 -12.75 -21.26
C GLU A 71 10.26 -14.11 -20.78
N GLN A 72 9.65 -14.62 -19.71
CA GLN A 72 10.06 -15.93 -19.18
C GLN A 72 9.76 -17.05 -20.17
N LYS A 73 8.62 -16.96 -20.86
CA LYS A 73 8.31 -17.95 -21.90
C LYS A 73 9.30 -17.87 -23.05
N SER A 74 9.71 -16.64 -23.42
CA SER A 74 10.66 -16.47 -24.52
C SER A 74 12.05 -17.00 -24.17
N ASN A 75 12.35 -17.18 -22.89
CA ASN A 75 13.64 -17.72 -22.45
C ASN A 75 13.54 -19.18 -22.03
N GLU A 76 12.71 -19.97 -22.71
CA GLU A 76 12.57 -21.39 -22.39
C GLU A 76 12.91 -22.28 -23.59
N GLY A 83 14.14 -11.39 -30.13
CA GLY A 83 14.96 -10.20 -30.01
C GLY A 83 14.92 -9.56 -28.64
N PRO A 84 15.49 -8.36 -28.51
CA PRO A 84 15.54 -7.70 -27.21
C PRO A 84 14.24 -7.01 -26.79
N GLU A 85 13.19 -7.02 -27.62
CA GLU A 85 12.08 -6.11 -27.42
C GLU A 85 11.30 -6.41 -26.14
N VAL A 86 11.04 -7.68 -25.84
CA VAL A 86 10.22 -7.97 -24.65
C VAL A 86 10.97 -7.53 -23.40
N ARG A 87 12.25 -7.88 -23.31
CA ARG A 87 13.05 -7.44 -22.17
C ARG A 87 13.13 -5.92 -22.11
N GLU A 88 13.38 -5.26 -23.24
CA GLU A 88 13.46 -3.80 -23.23
C GLU A 88 12.18 -3.17 -22.72
N TYR A 89 11.04 -3.68 -23.18
CA TYR A 89 9.77 -3.07 -22.79
C TYR A 89 9.42 -3.41 -21.33
N ARG A 90 9.70 -4.65 -20.89
CA ARG A 90 9.54 -4.96 -19.46
C ARG A 90 10.41 -4.04 -18.62
N GLU A 91 11.64 -3.77 -19.06
CA GLU A 91 12.53 -2.85 -18.34
C GLU A 91 11.96 -1.46 -18.31
N LYS A 92 11.35 -1.00 -19.40
CA LYS A 92 10.79 0.34 -19.41
C LYS A 92 9.66 0.44 -18.39
N VAL A 93 8.76 -0.53 -18.39
CA VAL A 93 7.66 -0.51 -17.43
C VAL A 93 8.20 -0.63 -16.02
N GLU A 94 9.21 -1.46 -15.82
CA GLU A 94 9.80 -1.63 -14.49
C GLU A 94 10.39 -0.32 -13.98
N THR A 95 11.08 0.42 -14.84
CA THR A 95 11.68 1.68 -14.41
C THR A 95 10.62 2.69 -14.06
N GLU A 96 9.52 2.71 -14.81
N GLU A 96 9.52 2.71 -14.81
CA GLU A 96 8.43 3.64 -14.50
CA GLU A 96 8.44 3.63 -14.52
C GLU A 96 7.75 3.28 -13.19
C GLU A 96 7.80 3.28 -13.19
N LEU A 97 7.56 1.98 -12.95
CA LEU A 97 7.02 1.53 -11.67
C LEU A 97 7.94 1.91 -10.52
N GLN A 98 9.23 1.69 -10.66
CA GLN A 98 10.17 2.06 -9.62
C GLN A 98 10.14 3.55 -9.37
N GLY A 99 9.98 4.35 -10.43
CA GLY A 99 9.91 5.77 -10.25
C GLY A 99 8.69 6.21 -9.45
N VAL A 100 7.54 5.59 -9.69
CA VAL A 100 6.36 5.91 -8.90
C VAL A 100 6.55 5.50 -7.45
N CYS A 101 7.10 4.30 -7.21
CA CYS A 101 7.32 3.90 -5.83
C CYS A 101 8.28 4.84 -5.13
N ASP A 102 9.37 5.24 -5.81
CA ASP A 102 10.30 6.20 -5.24
C ASP A 102 9.63 7.53 -4.96
N THR A 103 8.72 7.96 -5.82
CA THR A 103 7.99 9.22 -5.56
C THR A 103 7.17 9.13 -4.28
N VAL A 104 6.40 8.05 -4.13
CA VAL A 104 5.59 7.87 -2.93
C VAL A 104 6.47 7.80 -1.70
N LEU A 105 7.53 6.98 -1.75
CA LEU A 105 8.43 6.87 -0.61
C LEU A 105 9.04 8.22 -0.28
N GLY A 106 9.32 9.03 -1.31
CA GLY A 106 9.88 10.35 -1.04
C GLY A 106 8.88 11.29 -0.35
N LEU A 107 7.60 11.18 -0.71
CA LEU A 107 6.60 11.97 0.01
C LEU A 107 6.51 11.53 1.46
N LEU A 108 6.56 10.23 1.70
CA LEU A 108 6.50 9.74 3.07
C LEU A 108 7.70 10.21 3.88
N ASP A 109 8.87 10.22 3.26
CA ASP A 109 10.10 10.64 3.93
C ASP A 109 10.25 12.15 4.02
N SER A 110 9.55 12.90 3.18
CA SER A 110 9.70 14.36 3.15
C SER A 110 8.33 14.99 2.96
N HIS A 111 7.54 15.11 4.03
CA HIS A 111 7.90 14.81 5.42
C HIS A 111 6.72 14.21 6.16
N LEU A 112 5.94 13.35 5.48
CA LEU A 112 4.69 12.91 6.08
C LEU A 112 4.89 12.10 7.36
N ILE A 113 5.82 11.14 7.35
CA ILE A 113 5.99 10.28 8.51
C ILE A 113 6.48 11.07 9.72
N LYS A 114 7.50 11.90 9.53
CA LYS A 114 8.08 12.56 10.69
C LYS A 114 7.09 13.51 11.34
N GLU A 115 6.13 14.04 10.58
CA GLU A 115 5.17 14.94 11.17
C GLU A 115 3.94 14.21 11.71
N ALA A 116 3.85 12.88 11.54
CA ALA A 116 2.66 12.12 11.95
C ALA A 116 2.84 11.65 13.40
N GLY A 117 2.11 12.26 14.31
CA GLY A 117 2.23 11.94 15.72
C GLY A 117 1.10 11.08 16.23
N ASP A 118 -0.08 11.22 15.65
CA ASP A 118 -1.15 10.36 16.11
C ASP A 118 -0.95 8.98 15.55
N ALA A 119 -1.41 7.98 16.29
CA ALA A 119 -1.22 6.61 15.87
C ALA A 119 -1.89 6.34 14.52
N GLU A 120 -3.09 6.89 14.30
CA GLU A 120 -3.81 6.63 13.07
C GLU A 120 -3.02 7.10 11.86
N SER A 121 -2.44 8.30 11.91
N SER A 121 -2.44 8.30 11.93
CA SER A 121 -1.71 8.76 10.75
CA SER A 121 -1.69 8.84 10.80
C SER A 121 -0.37 8.05 10.62
C SER A 121 -0.38 8.08 10.62
N ARG A 122 0.35 7.85 11.72
CA ARG A 122 1.66 7.23 11.63
C ARG A 122 1.56 5.79 11.13
N VAL A 123 0.61 5.02 11.65
CA VAL A 123 0.41 3.66 11.15
C VAL A 123 0.05 3.67 9.67
N PHE A 124 -0.86 4.58 9.25
CA PHE A 124 -1.24 4.64 7.85
C PHE A 124 -0.02 4.86 6.96
N TYR A 125 0.84 5.81 7.32
CA TYR A 125 1.97 6.13 6.47
C TYR A 125 3.02 5.02 6.49
N LEU A 126 3.23 4.38 7.64
CA LEU A 126 4.19 3.29 7.70
C LEU A 126 3.71 2.08 6.92
N LYS A 127 2.40 1.80 6.95
CA LYS A 127 1.85 0.76 6.07
C LYS A 127 2.11 1.09 4.61
N MET A 128 1.88 2.35 4.22
CA MET A 128 2.21 2.75 2.84
C MET A 128 3.68 2.50 2.54
N LYS A 129 4.57 2.87 3.47
CA LYS A 129 5.99 2.66 3.25
C LYS A 129 6.30 1.18 3.04
N GLY A 130 5.72 0.32 3.87
CA GLY A 130 5.89 -1.12 3.66
C GLY A 130 5.39 -1.57 2.30
N ASP A 131 4.20 -1.10 1.91
CA ASP A 131 3.62 -1.49 0.63
C ASP A 131 4.50 -1.09 -0.54
N TYR A 132 5.01 0.16 -0.56
CA TYR A 132 5.78 0.60 -1.73
C TYR A 132 7.16 -0.04 -1.76
N TYR A 133 7.77 -0.32 -0.61
CA TYR A 133 8.96 -1.15 -0.66
C TYR A 133 8.63 -2.56 -1.12
N ARG A 134 7.46 -3.10 -0.75
CA ARG A 134 7.07 -4.42 -1.22
C ARG A 134 6.95 -4.43 -2.74
N TYR A 135 6.37 -3.38 -3.31
CA TYR A 135 6.27 -3.32 -4.77
C TYR A 135 7.65 -3.22 -5.41
N LEU A 136 8.57 -2.45 -4.81
CA LEU A 136 9.96 -2.47 -5.29
C LEU A 136 10.54 -3.88 -5.20
N ALA A 137 10.23 -4.61 -4.13
CA ALA A 137 10.82 -5.95 -3.94
C ALA A 137 10.30 -6.92 -4.99
N GLU A 138 9.06 -6.73 -5.45
CA GLU A 138 8.50 -7.64 -6.45
C GLU A 138 9.30 -7.66 -7.73
N VAL A 139 9.96 -6.55 -8.08
CA VAL A 139 10.72 -6.43 -9.33
C VAL A 139 12.21 -6.46 -9.09
N ALA A 140 12.66 -6.55 -7.85
CA ALA A 140 14.08 -6.47 -7.55
C ALA A 140 14.73 -7.83 -7.77
N THR A 141 16.00 -7.80 -8.16
CA THR A 141 16.77 -9.02 -8.42
C THR A 141 18.12 -8.95 -7.70
N GLY A 142 18.22 -9.66 -6.57
CA GLY A 142 19.49 -10.01 -5.96
C GLY A 142 20.31 -8.92 -5.28
N ASP A 143 20.65 -7.86 -6.03
CA ASP A 143 21.67 -6.92 -5.56
C ASP A 143 21.22 -6.17 -4.32
N ASP A 144 20.14 -5.41 -4.44
CA ASP A 144 19.50 -4.80 -3.29
C ASP A 144 18.12 -5.40 -3.02
N LYS A 145 17.83 -6.56 -3.60
CA LYS A 145 16.60 -7.26 -3.24
C LYS A 145 16.52 -7.44 -1.72
N LYS A 146 17.62 -7.89 -1.11
N LYS A 146 17.62 -7.87 -1.11
CA LYS A 146 17.61 -8.12 0.33
CA LYS A 146 17.61 -8.12 0.32
C LYS A 146 17.38 -6.84 1.10
C LYS A 146 17.38 -6.83 1.10
N ARG A 147 18.05 -5.75 0.71
CA ARG A 147 17.90 -4.51 1.47
C ARG A 147 16.51 -3.93 1.28
N ILE A 148 15.94 -4.07 0.07
CA ILE A 148 14.59 -3.58 -0.16
C ILE A 148 13.60 -4.37 0.67
N ILE A 149 13.75 -5.69 0.71
CA ILE A 149 12.89 -6.54 1.53
C ILE A 149 12.99 -6.13 2.98
N ASP A 150 14.20 -5.84 3.46
CA ASP A 150 14.30 -5.47 4.86
C ASP A 150 13.66 -4.13 5.14
N SER A 151 13.72 -3.21 4.18
CA SER A 151 13.06 -1.91 4.35
C SER A 151 11.56 -2.08 4.45
N ALA A 152 10.97 -2.95 3.61
CA ALA A 152 9.54 -3.23 3.73
C ALA A 152 9.24 -3.81 5.10
N ARG A 153 9.99 -4.83 5.50
N ARG A 153 10.00 -4.82 5.51
CA ARG A 153 9.75 -5.49 6.77
CA ARG A 153 9.74 -5.50 6.77
C ARG A 153 9.83 -4.51 7.93
C ARG A 153 9.83 -4.53 7.94
N SER A 154 10.83 -3.65 7.93
CA SER A 154 11.01 -2.71 9.02
C SER A 154 9.85 -1.74 9.12
N ALA A 155 9.37 -1.23 7.99
CA ALA A 155 8.24 -0.31 8.02
C ALA A 155 6.98 -1.01 8.52
N TYR A 156 6.69 -2.19 7.98
CA TYR A 156 5.52 -2.94 8.45
C TYR A 156 5.62 -3.27 9.93
N GLN A 157 6.81 -3.65 10.40
CA GLN A 157 6.96 -4.03 11.81
C GLN A 157 6.73 -2.84 12.72
N GLU A 158 7.26 -1.66 12.36
CA GLU A 158 7.01 -0.50 13.21
C GLU A 158 5.53 -0.16 13.24
N ALA A 159 4.87 -0.23 12.08
CA ALA A 159 3.43 0.00 12.02
C ALA A 159 2.67 -1.01 12.89
N MET A 160 3.08 -2.28 12.84
CA MET A 160 2.43 -3.30 13.66
C MET A 160 2.59 -2.99 15.13
N ASP A 161 3.81 -2.61 15.53
CA ASP A 161 4.04 -2.37 16.94
C ASP A 161 3.17 -1.23 17.45
N ILE A 162 3.06 -0.14 16.68
CA ILE A 162 2.20 0.95 17.10
C ILE A 162 0.75 0.52 17.11
N SER A 163 0.31 -0.20 16.06
CA SER A 163 -1.10 -0.55 15.94
C SER A 163 -1.54 -1.46 17.08
N LYS A 164 -0.67 -2.35 17.53
CA LYS A 164 -1.06 -3.26 18.60
C LYS A 164 -1.13 -2.54 19.94
N LYS A 165 -0.36 -1.48 20.13
CA LYS A 165 -0.44 -0.69 21.36
C LYS A 165 -1.56 0.34 21.35
N GLU A 166 -1.91 0.92 20.18
CA GLU A 166 -2.74 2.10 20.13
C GLU A 166 -4.10 1.94 19.47
N MET A 167 -4.34 0.83 18.78
CA MET A 167 -5.62 0.65 18.08
C MET A 167 -6.29 -0.63 18.52
N PRO A 168 -7.63 -0.66 18.49
CA PRO A 168 -8.33 -1.92 18.78
C PRO A 168 -8.09 -2.91 17.65
N PRO A 169 -8.28 -4.20 17.93
CA PRO A 169 -7.98 -5.21 16.92
C PRO A 169 -8.94 -5.19 15.74
N THR A 170 -10.06 -4.47 15.81
CA THR A 170 -10.95 -4.35 14.67
C THR A 170 -10.68 -3.10 13.83
N ASN A 171 -9.74 -2.25 14.23
CA ASN A 171 -9.53 -1.02 13.48
C ASN A 171 -9.20 -1.35 12.01
N PRO A 172 -9.90 -0.77 11.03
CA PRO A 172 -9.64 -1.18 9.64
C PRO A 172 -8.22 -0.97 9.16
N ILE A 173 -7.54 0.08 9.63
CA ILE A 173 -6.15 0.26 9.22
C ILE A 173 -5.27 -0.81 9.83
N ARG A 174 -5.49 -1.13 11.11
CA ARG A 174 -4.76 -2.23 11.75
C ARG A 174 -5.00 -3.54 11.02
N LEU A 175 -6.24 -3.80 10.61
CA LEU A 175 -6.55 -5.02 9.88
C LEU A 175 -5.89 -5.04 8.51
N GLY A 176 -5.98 -3.93 7.77
CA GLY A 176 -5.36 -3.90 6.45
C GLY A 176 -3.86 -3.99 6.49
N LEU A 177 -3.25 -3.37 7.50
CA LEU A 177 -1.81 -3.53 7.74
C LEU A 177 -1.45 -4.98 7.95
N ALA A 178 -2.18 -5.67 8.81
CA ALA A 178 -1.87 -7.08 9.06
C ALA A 178 -2.09 -7.92 7.82
N LEU A 179 -3.17 -7.65 7.07
CA LEU A 179 -3.38 -8.35 5.81
C LEU A 179 -2.19 -8.18 4.88
N ASN A 180 -1.74 -6.92 4.68
CA ASN A 180 -0.68 -6.69 3.72
C ASN A 180 0.66 -7.22 4.21
N PHE A 181 0.92 -7.15 5.53
CA PHE A 181 2.14 -7.73 6.06
C PHE A 181 2.12 -9.24 5.90
N SER A 182 0.95 -9.87 6.06
CA SER A 182 0.87 -11.30 5.81
C SER A 182 1.17 -11.64 4.36
N VAL A 183 0.68 -10.83 3.41
CA VAL A 183 1.02 -11.03 2.01
C VAL A 183 2.51 -10.87 1.78
N PHE A 184 3.11 -9.84 2.39
CA PHE A 184 4.56 -9.70 2.37
C PHE A 184 5.25 -10.99 2.81
N HIS A 185 4.82 -11.57 3.95
CA HIS A 185 5.49 -12.78 4.43
C HIS A 185 5.33 -13.91 3.43
N TYR A 186 4.14 -14.05 2.85
CA TYR A 186 3.87 -15.18 1.98
C TYR A 186 4.57 -15.03 0.65
N GLU A 187 4.48 -13.84 0.05
CA GLU A 187 4.86 -13.65 -1.35
C GLU A 187 6.27 -13.14 -1.53
N ILE A 188 6.82 -12.43 -0.55
CA ILE A 188 8.10 -11.75 -0.67
C ILE A 188 9.16 -12.41 0.18
N ALA A 189 8.84 -12.66 1.46
CA ALA A 189 9.83 -13.12 2.43
C ALA A 189 9.94 -14.63 2.50
N ASN A 190 9.19 -15.36 1.69
CA ASN A 190 9.24 -16.82 1.70
C ASN A 190 8.99 -17.37 3.09
N SER A 191 8.02 -16.79 3.78
CA SER A 191 7.65 -17.19 5.16
C SER A 191 6.16 -17.50 5.19
N PRO A 192 5.70 -18.53 4.47
CA PRO A 192 4.25 -18.82 4.46
C PRO A 192 3.69 -19.15 5.84
N GLU A 193 4.46 -19.79 6.71
CA GLU A 193 3.93 -20.09 8.03
C GLU A 193 3.70 -18.83 8.85
N GLU A 194 4.61 -17.84 8.73
CA GLU A 194 4.42 -16.56 9.40
C GLU A 194 3.21 -15.84 8.83
N ALA A 195 3.01 -15.93 7.53
CA ALA A 195 1.84 -15.31 6.88
C ALA A 195 0.55 -15.90 7.44
N ILE A 196 0.49 -17.23 7.52
CA ILE A 196 -0.70 -17.91 8.00
C ILE A 196 -0.94 -17.58 9.48
N SER A 197 0.11 -17.63 10.29
N SER A 197 0.11 -17.62 10.29
CA SER A 197 -0.04 -17.32 11.71
CA SER A 197 -0.05 -17.32 11.71
C SER A 197 -0.54 -15.89 11.90
C SER A 197 -0.52 -15.88 11.93
N LEU A 198 0.03 -14.93 11.18
CA LEU A 198 -0.41 -13.55 11.34
C LEU A 198 -1.86 -13.39 10.91
N ALA A 199 -2.24 -13.97 9.79
CA ALA A 199 -3.61 -13.82 9.33
C ALA A 199 -4.59 -14.44 10.30
N LYS A 200 -4.25 -15.62 10.85
CA LYS A 200 -5.16 -16.31 11.77
C LYS A 200 -5.31 -15.54 13.07
N THR A 201 -4.19 -15.11 13.66
CA THR A 201 -4.24 -14.38 14.91
C THR A 201 -5.00 -13.06 14.73
N THR A 202 -4.76 -12.37 13.61
CA THR A 202 -5.45 -11.11 13.35
C THR A 202 -6.94 -11.33 13.24
N PHE A 203 -7.34 -12.37 12.50
CA PHE A 203 -8.75 -12.65 12.31
C PHE A 203 -9.41 -12.96 13.65
N ASP A 204 -8.78 -13.82 14.45
CA ASP A 204 -9.38 -14.27 15.69
C ASP A 204 -9.50 -13.14 16.70
N GLU A 205 -8.50 -12.27 16.76
CA GLU A 205 -8.55 -11.18 17.71
C GLU A 205 -9.58 -10.14 17.28
N ALA A 206 -9.77 -9.96 15.97
CA ALA A 206 -10.83 -9.08 15.50
C ALA A 206 -12.21 -9.66 15.80
N MET A 207 -12.38 -10.96 15.55
CA MET A 207 -13.68 -11.59 15.81
C MET A 207 -14.12 -11.33 17.25
N ALA A 208 -13.19 -11.49 18.19
CA ALA A 208 -13.50 -11.33 19.60
C ALA A 208 -13.80 -9.90 20.02
N ASP A 209 -13.53 -8.91 19.15
CA ASP A 209 -13.77 -7.51 19.43
C ASP A 209 -14.96 -6.95 18.67
N LEU A 210 -15.58 -7.75 17.78
CA LEU A 210 -16.71 -7.24 17.00
C LEU A 210 -17.88 -6.78 17.87
N HIS A 211 -18.06 -7.39 19.03
CA HIS A 211 -19.20 -7.07 19.89
C HIS A 211 -19.20 -5.61 20.33
N THR A 212 -18.05 -4.94 20.24
CA THR A 212 -17.93 -3.56 20.72
C THR A 212 -18.36 -2.54 19.68
N LEU A 213 -18.64 -2.98 18.46
CA LEU A 213 -18.78 -2.10 17.32
C LEU A 213 -20.24 -1.78 17.01
N SER A 214 -20.43 -0.60 16.42
CA SER A 214 -21.68 -0.21 15.79
C SER A 214 -21.89 -1.02 14.50
N GLU A 215 -23.11 -0.93 13.96
CA GLU A 215 -23.41 -1.63 12.71
C GLU A 215 -22.49 -1.19 11.59
N ASP A 216 -22.19 0.11 11.48
CA ASP A 216 -21.35 0.57 10.37
C ASP A 216 -19.89 0.16 10.56
N SER A 217 -19.38 0.26 11.79
CA SER A 217 -18.02 -0.20 12.06
C SER A 217 -17.91 -1.71 11.87
N TYR A 218 -18.94 -2.45 12.27
CA TYR A 218 -18.97 -3.89 12.04
C TYR A 218 -18.80 -4.22 10.58
N LYS A 219 -19.52 -3.50 9.70
CA LYS A 219 -19.40 -3.75 8.27
C LYS A 219 -17.98 -3.46 7.78
N ASP A 220 -17.38 -2.36 8.24
CA ASP A 220 -16.03 -2.02 7.81
C ASP A 220 -15.03 -3.10 8.22
N SER A 221 -15.11 -3.55 9.49
CA SER A 221 -14.13 -4.52 9.97
C SER A 221 -14.34 -5.90 9.35
N THR A 222 -15.60 -6.35 9.25
CA THR A 222 -15.82 -7.70 8.71
C THR A 222 -15.44 -7.79 7.25
N LEU A 223 -15.52 -6.68 6.50
CA LEU A 223 -15.08 -6.74 5.10
C LEU A 223 -13.60 -7.12 5.00
N ILE A 224 -12.76 -6.53 5.83
CA ILE A 224 -11.32 -6.85 5.78
C ILE A 224 -11.06 -8.23 6.36
N MET A 225 -11.81 -8.59 7.41
CA MET A 225 -11.67 -9.95 7.93
C MET A 225 -11.94 -11.00 6.86
N GLN A 226 -12.87 -10.74 5.96
CA GLN A 226 -13.15 -11.70 4.90
C GLN A 226 -11.96 -11.85 3.97
N LEU A 227 -11.25 -10.74 3.72
CA LEU A 227 -10.01 -10.81 2.93
C LEU A 227 -8.96 -11.68 3.62
N LEU A 228 -8.82 -11.55 4.95
CA LEU A 228 -7.90 -12.41 5.68
C LEU A 228 -8.32 -13.86 5.52
N ARG A 229 -9.62 -14.14 5.67
CA ARG A 229 -10.12 -15.49 5.50
C ARG A 229 -9.88 -16.00 4.09
N ASP A 230 -10.07 -15.14 3.09
CA ASP A 230 -9.86 -15.56 1.70
C ASP A 230 -8.42 -16.01 1.49
N ASN A 231 -7.45 -15.29 2.08
CA ASN A 231 -6.06 -15.70 1.94
C ASN A 231 -5.81 -16.99 2.70
N LEU A 232 -6.33 -17.11 3.92
CA LEU A 232 -6.15 -18.35 4.66
C LEU A 232 -6.70 -19.54 3.89
N THR A 233 -7.84 -19.36 3.21
CA THR A 233 -8.40 -20.45 2.40
C THR A 233 -7.48 -20.81 1.24
N LEU A 234 -6.83 -19.80 0.63
CA LEU A 234 -5.93 -20.08 -0.47
C LEU A 234 -4.62 -20.69 0.01
N TRP A 235 -4.20 -20.38 1.24
CA TRP A 235 -2.89 -20.80 1.74
C TRP A 235 -2.93 -22.11 2.52
N THR A 236 -4.12 -22.58 2.89
CA THR A 236 -4.23 -23.79 3.68
C THR A 236 -5.19 -24.79 3.02
N ALA B 5 -2.93 -14.77 -3.54
CA ALA B 5 -2.95 -14.04 -2.27
C ALA B 5 -3.30 -12.57 -2.51
N GLY B 6 -4.35 -12.10 -1.84
CA GLY B 6 -4.79 -10.74 -2.03
C GLY B 6 -4.43 -9.75 -0.93
N SEP B 7 -3.79 -8.65 -1.31
CA SEP B 7 -3.63 -7.51 -0.42
CB SEP B 7 -2.44 -6.68 -0.89
OG SEP B 7 -2.74 -6.23 -2.21
C SEP B 7 -4.89 -6.65 -0.42
O SEP B 7 -5.84 -6.93 -1.18
P SEP B 7 -1.53 -5.56 -3.03
O1P SEP B 7 -0.47 -6.64 -3.33
O2P SEP B 7 -2.26 -5.06 -4.35
O3P SEP B 7 -0.99 -4.36 -2.20
N ILE B 8 -4.93 -5.59 0.40
CA ILE B 8 -6.03 -4.63 0.36
C ILE B 8 -6.15 -4.13 -1.07
N PRO B 9 -7.34 -4.25 -1.70
CA PRO B 9 -7.49 -3.68 -3.05
C PRO B 9 -7.11 -2.20 -3.02
N GLY B 10 -7.77 -1.44 -2.16
CA GLY B 10 -7.31 -0.10 -1.86
C GLY B 10 -7.43 0.88 -3.00
N ARG B 11 -8.30 0.59 -3.97
CA ARG B 11 -8.34 1.39 -5.19
C ARG B 11 -9.61 2.22 -5.33
N ARG B 12 -10.46 2.27 -4.29
CA ARG B 12 -11.66 3.11 -4.29
C ARG B 12 -11.75 3.83 -2.95
N SER B 13 -11.92 5.15 -2.98
CA SER B 13 -11.97 5.93 -1.74
C SER B 13 -13.30 5.70 -1.02
C01 UVB C . -4.61 -0.18 4.00
C02 UVB C . -6.12 -0.02 4.11
C03 UVB C . -6.86 -0.54 5.16
C04 UVB C . -8.22 -0.36 5.20
C05 UVB C . -8.81 0.35 4.18
C09 UVB C . -10.40 2.41 6.32
C10 UVB C . -11.22 3.58 6.87
C12 UVB C . -11.03 4.81 6.11
C13 UVB C . -11.15 4.66 4.67
C14 UVB C . -10.37 3.49 4.09
C16 UVB C . -8.08 0.89 3.14
C17 UVB C . -6.73 0.72 3.11
N08 UVB C . -10.66 2.21 4.84
O07 UVB C . -11.28 -0.27 5.10
O11 UVB C . -10.92 3.78 8.23
O15 UVB C . -11.21 0.41 2.87
S06 UVB C . -10.60 0.65 4.18
MG MG D . -3.06 28.86 -0.17
CL CL E . 1.80 16.15 13.78
#